data_5B7G
#
_entry.id   5B7G
#
_cell.length_a   102.671
_cell.length_b   102.671
_cell.length_c   118.837
_cell.angle_alpha   90.00
_cell.angle_beta   90.00
_cell.angle_gamma   120.00
#
_symmetry.space_group_name_H-M   'P 31 2 1'
#
loop_
_entity.id
_entity.type
_entity.pdbx_description
1 polymer 'MTA/SAH nucleosidase'
2 non-polymer ADENINE
3 non-polymer GLYCEROL
4 water water
#
_entity_poly.entity_id   1
_entity_poly.type   'polypeptide(L)'
_entity_poly.pdbx_seq_one_letter_code
;ASAPILIQGAMDVEVETLVAALKDKQELTVGSWTYWQGTLSGYPVVVSRTEVGLANAAAATTLAMERFQPRLVINQGTAG
GHDPALHRGDIVIGTKSFNMGAYRSDLTPAEQGVDPSKWHNFEVTMRLRDNGKLVEHSSFAGDPELVGRALGMADRYRHG
RVVPGIIGTADEWNRQVARINWLHQTYQTAAEEMETSSAALVAEAYKVPFVGIRVLSNTDLHGEEFDPQTAIHCQQFVID
YAKALINGF
;
_entity_poly.pdbx_strand_id   A,B
#
loop_
_chem_comp.id
_chem_comp.type
_chem_comp.name
_chem_comp.formula
ADE non-polymer ADENINE 'C5 H5 N5'
GOL non-polymer GLYCEROL 'C3 H8 O3'
#
# COMPACT_ATOMS: atom_id res chain seq x y z
N ALA A 1 -22.13 -8.95 21.94
CA ALA A 1 -20.68 -8.78 22.01
C ALA A 1 -20.24 -7.35 21.68
N SER A 2 -19.27 -6.88 22.43
CA SER A 2 -18.82 -5.54 22.26
C SER A 2 -17.79 -5.50 21.14
N ALA A 3 -17.89 -4.49 20.31
CA ALA A 3 -16.93 -4.35 19.23
C ALA A 3 -15.58 -3.91 19.82
N PRO A 4 -14.54 -4.60 19.36
CA PRO A 4 -13.23 -4.34 19.93
C PRO A 4 -12.51 -3.08 19.47
N ILE A 5 -11.57 -2.66 20.29
CA ILE A 5 -10.64 -1.65 19.89
C ILE A 5 -9.54 -2.43 19.13
N LEU A 6 -9.16 -1.97 17.96
CA LEU A 6 -8.05 -2.54 17.21
C LEU A 6 -6.81 -1.67 17.45
N ILE A 7 -5.71 -2.28 17.91
CA ILE A 7 -4.47 -1.57 18.11
C ILE A 7 -3.39 -2.23 17.25
N GLN A 8 -2.70 -1.44 16.44
CA GLN A 8 -1.75 -1.94 15.45
C GLN A 8 -0.33 -1.53 15.73
N GLY A 9 0.59 -2.42 15.39
CA GLY A 9 2.01 -2.11 15.32
C GLY A 9 2.62 -2.96 14.22
N ALA A 10 3.71 -2.51 13.61
CA ALA A 10 4.24 -3.19 12.44
C ALA A 10 5.18 -4.34 12.78
N MET A 11 6.08 -4.09 13.73
CA MET A 11 7.12 -5.04 14.09
C MET A 11 6.91 -5.62 15.48
N ASP A 12 7.60 -6.71 15.77
CA ASP A 12 7.50 -7.33 17.09
C ASP A 12 7.73 -6.34 18.22
N VAL A 13 8.73 -5.48 18.07
CA VAL A 13 9.07 -4.57 19.16
C VAL A 13 7.97 -3.53 19.38
N GLU A 14 7.12 -3.33 18.38
CA GLU A 14 6.00 -2.40 18.47
C GLU A 14 4.70 -3.03 18.95
N VAL A 15 4.69 -4.35 19.21
CA VAL A 15 3.44 -4.99 19.70
C VAL A 15 3.60 -5.88 20.93
N GLU A 16 4.83 -6.25 21.28
CA GLU A 16 4.97 -7.24 22.35
C GLU A 16 4.46 -6.73 23.71
N THR A 17 4.61 -5.43 23.96
CA THR A 17 4.11 -4.83 25.18
C THR A 17 2.57 -4.83 25.20
N LEU A 18 1.96 -4.48 24.07
CA LEU A 18 0.51 -4.57 23.93
C LEU A 18 0.00 -5.97 24.17
N VAL A 19 0.66 -6.94 23.54
CA VAL A 19 0.22 -8.33 23.65
C VAL A 19 0.33 -8.81 25.10
N ALA A 20 1.40 -8.43 25.80
CA ALA A 20 1.58 -8.83 27.19
C ALA A 20 0.51 -8.24 28.11
N ALA A 21 -0.08 -7.11 27.73
CA ALA A 21 -1.10 -6.45 28.54
C ALA A 21 -2.48 -7.11 28.44
N LEU A 22 -2.72 -7.89 27.39
CA LEU A 22 -4.03 -8.50 27.18
C LEU A 22 -4.27 -9.66 28.14
N LYS A 23 -5.51 -9.80 28.59
CA LYS A 23 -5.92 -10.98 29.35
C LYS A 23 -6.71 -11.92 28.45
N ASP A 24 -6.66 -13.21 28.78
CA ASP A 24 -7.47 -14.23 28.12
C ASP A 24 -7.29 -14.23 26.61
N LYS A 25 -6.04 -14.35 26.19
CA LYS A 25 -5.67 -14.22 24.79
C LYS A 25 -5.89 -15.47 23.96
N GLN A 26 -6.17 -15.26 22.69
CA GLN A 26 -5.93 -16.26 21.68
C GLN A 26 -5.27 -15.54 20.52
N GLU A 27 -4.53 -16.29 19.72
CA GLU A 27 -3.74 -15.72 18.65
C GLU A 27 -4.18 -16.31 17.33
N LEU A 28 -4.52 -15.45 16.37
CA LEU A 28 -5.03 -15.87 15.07
C LEU A 28 -4.13 -15.35 13.96
N THR A 29 -3.71 -16.23 13.05
CA THR A 29 -2.94 -15.80 11.89
C THR A 29 -3.64 -16.24 10.61
N VAL A 30 -3.80 -15.29 9.71
CA VAL A 30 -4.34 -15.53 8.38
C VAL A 30 -3.37 -14.90 7.39
N GLY A 31 -2.98 -15.64 6.36
CA GLY A 31 -2.01 -15.12 5.40
C GLY A 31 -0.71 -14.78 6.12
N SER A 32 -0.30 -13.52 6.01
CA SER A 32 0.92 -13.05 6.64
C SER A 32 0.67 -12.28 7.94
N TRP A 33 -0.58 -12.27 8.41
CA TRP A 33 -0.95 -11.30 9.46
C TRP A 33 -1.52 -11.97 10.72
N THR A 34 -0.91 -11.60 11.84
CA THR A 34 -1.24 -12.16 13.15
C THR A 34 -1.99 -11.16 14.01
N TYR A 35 -2.97 -11.69 14.75
CA TYR A 35 -3.84 -10.93 15.63
C TYR A 35 -3.90 -11.60 16.98
N TRP A 36 -3.83 -10.81 18.05
CA TRP A 36 -4.07 -11.35 19.38
C TRP A 36 -5.35 -10.76 19.91
N GLN A 37 -6.32 -11.63 20.22
CA GLN A 37 -7.61 -11.22 20.72
C GLN A 37 -7.65 -11.45 22.22
N GLY A 38 -7.96 -10.42 22.98
CA GLY A 38 -8.04 -10.56 24.42
C GLY A 38 -8.82 -9.40 25.00
N THR A 39 -8.60 -9.12 26.28
CA THR A 39 -9.27 -7.97 26.89
C THR A 39 -8.28 -7.05 27.59
N LEU A 40 -8.64 -5.77 27.61
CA LEU A 40 -8.01 -4.76 28.45
C LEU A 40 -9.12 -4.18 29.32
N SER A 41 -8.91 -4.18 30.64
CA SER A 41 -9.96 -3.72 31.57
C SER A 41 -11.28 -4.40 31.30
N GLY A 42 -11.23 -5.67 30.92
CA GLY A 42 -12.43 -6.46 30.67
C GLY A 42 -13.12 -6.19 29.34
N TYR A 43 -12.56 -5.31 28.51
CA TYR A 43 -13.18 -4.95 27.24
C TYR A 43 -12.41 -5.57 26.07
N PRO A 44 -13.13 -6.05 25.03
CA PRO A 44 -12.41 -6.68 23.90
C PRO A 44 -11.43 -5.76 23.16
N VAL A 45 -10.22 -6.27 23.00
CA VAL A 45 -9.16 -5.58 22.27
C VAL A 45 -8.48 -6.58 21.35
N VAL A 46 -8.21 -6.15 20.12
CA VAL A 46 -7.42 -6.95 19.19
C VAL A 46 -6.15 -6.22 18.88
N VAL A 47 -5.01 -6.87 19.11
CA VAL A 47 -3.72 -6.33 18.73
C VAL A 47 -3.27 -6.97 17.42
N SER A 48 -2.90 -6.11 16.47
CA SER A 48 -2.50 -6.55 15.13
C SER A 48 -1.05 -6.23 14.87
N ARG A 49 -0.27 -7.23 14.46
CA ARG A 49 1.07 -7.02 13.94
C ARG A 49 0.95 -6.91 12.42
N THR A 50 1.14 -5.70 11.89
CA THR A 50 0.77 -5.45 10.50
C THR A 50 1.82 -5.85 9.48
N GLU A 51 3.05 -6.08 9.93
CA GLU A 51 4.23 -6.09 9.06
C GLU A 51 4.42 -4.68 8.47
N VAL A 52 5.40 -4.52 7.57
CA VAL A 52 5.94 -3.19 7.29
C VAL A 52 5.52 -2.66 5.93
N GLY A 53 5.17 -1.37 5.88
CA GLY A 53 4.92 -0.69 4.61
C GLY A 53 3.45 -0.56 4.25
N LEU A 54 3.17 0.17 3.18
CA LEU A 54 1.78 0.53 2.87
C LEU A 54 0.92 -0.67 2.48
N ALA A 55 1.44 -1.56 1.64
CA ALA A 55 0.65 -2.72 1.22
C ALA A 55 0.30 -3.60 2.42
N ASN A 56 1.31 -3.91 3.24
CA ASN A 56 1.06 -4.70 4.44
C ASN A 56 0.06 -4.04 5.38
N ALA A 57 0.21 -2.72 5.61
CA ALA A 57 -0.71 -2.03 6.50
C ALA A 57 -2.13 -2.12 5.99
N ALA A 58 -2.32 -1.94 4.68
CA ALA A 58 -3.67 -1.95 4.14
C ALA A 58 -4.29 -3.34 4.22
N ALA A 59 -3.49 -4.37 3.92
CA ALA A 59 -3.96 -5.75 4.03
C ALA A 59 -4.33 -6.09 5.47
N ALA A 60 -3.44 -5.78 6.40
CA ALA A 60 -3.70 -6.11 7.80
C ALA A 60 -4.92 -5.39 8.34
N THR A 61 -5.12 -4.13 7.91
CA THR A 61 -6.28 -3.37 8.38
C THR A 61 -7.57 -3.94 7.79
N THR A 62 -7.57 -4.22 6.49
CA THR A 62 -8.75 -4.76 5.80
C THR A 62 -9.15 -6.10 6.41
N LEU A 63 -8.16 -6.97 6.62
CA LEU A 63 -8.42 -8.26 7.22
C LEU A 63 -9.03 -8.12 8.62
N ALA A 64 -8.53 -7.17 9.41
CA ALA A 64 -9.11 -6.93 10.73
C ALA A 64 -10.54 -6.42 10.65
N MET A 65 -10.84 -5.56 9.68
CA MET A 65 -12.22 -5.10 9.49
C MET A 65 -13.13 -6.28 9.23
N GLU A 66 -12.72 -7.16 8.32
CA GLU A 66 -13.55 -8.29 7.94
C GLU A 66 -13.73 -9.29 9.07
N ARG A 67 -12.66 -9.54 9.83
CA ARG A 67 -12.71 -10.56 10.88
C ARG A 67 -13.31 -10.07 12.19
N PHE A 68 -13.06 -8.79 12.52
CA PHE A 68 -13.34 -8.34 13.90
C PHE A 68 -14.28 -7.15 14.01
N GLN A 69 -14.54 -6.44 12.92
CA GLN A 69 -15.43 -5.28 12.93
C GLN A 69 -15.17 -4.37 14.13
N PRO A 70 -13.96 -3.80 14.22
CA PRO A 70 -13.61 -2.98 15.39
C PRO A 70 -14.38 -1.66 15.46
N ARG A 71 -14.54 -1.13 16.67
CA ARG A 71 -15.26 0.13 16.80
C ARG A 71 -14.36 1.35 16.58
N LEU A 72 -13.04 1.17 16.75
CA LEU A 72 -12.07 2.23 16.44
C LEU A 72 -10.70 1.59 16.25
N VAL A 73 -9.82 2.32 15.59
CA VAL A 73 -8.48 1.83 15.28
C VAL A 73 -7.44 2.80 15.83
N ILE A 74 -6.48 2.28 16.60
CA ILE A 74 -5.29 3.02 16.99
C ILE A 74 -4.12 2.41 16.26
N ASN A 75 -3.51 3.16 15.36
CA ASN A 75 -2.29 2.71 14.72
C ASN A 75 -1.10 3.37 15.41
N GLN A 76 -0.13 2.59 15.87
CA GLN A 76 0.96 3.19 16.61
C GLN A 76 2.29 2.55 16.26
N GLY A 77 3.36 3.10 16.82
CA GLY A 77 4.69 2.58 16.55
C GLY A 77 5.72 3.68 16.49
N THR A 78 6.83 3.41 15.82
CA THR A 78 7.96 4.32 15.76
C THR A 78 7.97 5.14 14.47
N ALA A 79 8.72 6.23 14.50
CA ALA A 79 8.80 7.16 13.38
C ALA A 79 10.11 7.93 13.45
N GLY A 80 10.51 8.51 12.31
CA GLY A 80 11.71 9.33 12.25
C GLY A 80 11.35 10.79 12.18
N GLY A 81 12.03 11.63 12.97
CA GLY A 81 11.69 13.03 13.02
C GLY A 81 11.89 13.82 11.73
N HIS A 82 10.91 14.66 11.41
CA HIS A 82 10.98 15.61 10.31
C HIS A 82 11.01 17.07 10.81
N ASP A 83 10.39 17.31 11.96
CA ASP A 83 10.33 18.65 12.54
C ASP A 83 11.54 18.82 13.46
N PRO A 84 12.38 19.86 13.21
CA PRO A 84 13.58 20.05 14.04
C PRO A 84 13.28 20.30 15.51
N ALA A 85 12.06 20.73 15.83
CA ALA A 85 11.69 20.98 17.22
C ALA A 85 11.58 19.69 18.02
N LEU A 86 11.42 18.56 17.34
CA LEU A 86 11.13 17.30 18.01
C LEU A 86 12.37 16.42 18.18
N HIS A 87 12.35 15.63 19.25
CA HIS A 87 13.44 14.73 19.57
C HIS A 87 12.97 13.31 19.81
N ARG A 88 13.93 12.38 19.72
CA ARG A 88 13.70 11.00 20.09
C ARG A 88 12.95 10.90 21.41
N GLY A 89 11.86 10.13 21.42
CA GLY A 89 11.04 9.98 22.60
C GLY A 89 9.78 10.83 22.60
N ASP A 90 9.77 11.91 21.82
CA ASP A 90 8.55 12.69 21.70
C ASP A 90 7.49 11.89 20.94
N ILE A 91 6.24 12.07 21.30
CA ILE A 91 5.12 11.40 20.64
C ILE A 91 4.31 12.38 19.83
N VAL A 92 4.02 12.00 18.59
CA VAL A 92 3.18 12.74 17.68
C VAL A 92 1.79 12.10 17.59
N ILE A 93 0.75 12.89 17.83
CA ILE A 93 -0.63 12.47 17.61
C ILE A 93 -1.04 12.99 16.23
N GLY A 94 -1.47 12.09 15.36
CA GLY A 94 -1.67 12.45 13.95
C GLY A 94 -2.94 13.26 13.71
N THR A 95 -2.80 14.58 13.68
CA THR A 95 -3.91 15.43 13.28
C THR A 95 -4.33 15.06 11.86
N LYS A 96 -3.33 14.76 11.03
CA LYS A 96 -3.59 14.12 9.75
C LYS A 96 -2.42 13.21 9.40
N SER A 97 -2.70 12.24 8.54
CA SER A 97 -1.65 11.45 7.92
C SER A 97 -1.89 11.48 6.43
N PHE A 98 -0.85 11.27 5.64
CA PHE A 98 -1.04 11.28 4.19
C PHE A 98 0.06 10.45 3.56
N ASN A 99 -0.17 10.07 2.30
CA ASN A 99 0.79 9.26 1.56
C ASN A 99 1.88 10.16 0.99
N MET A 100 2.93 10.33 1.80
CA MET A 100 4.08 11.15 1.46
C MET A 100 4.89 10.58 0.31
N GLY A 101 4.77 9.27 0.09
CA GLY A 101 5.50 8.64 -1.00
C GLY A 101 4.85 8.75 -2.37
N ALA A 102 3.67 9.35 -2.44
CA ALA A 102 2.95 9.44 -3.71
C ALA A 102 3.50 10.58 -4.56
N TYR A 103 4.05 10.25 -5.73
CA TYR A 103 4.76 11.23 -6.56
C TYR A 103 4.22 11.31 -7.98
N ARG A 104 3.90 12.51 -8.43
CA ARG A 104 3.57 12.77 -9.83
C ARG A 104 4.46 13.88 -10.35
N SER A 105 4.98 13.73 -11.56
CA SER A 105 5.82 14.77 -12.15
C SER A 105 5.35 15.14 -13.55
N ASP A 106 5.57 16.41 -13.89
CA ASP A 106 5.36 16.92 -15.24
C ASP A 106 6.47 16.41 -16.17
N LEU A 107 6.21 16.40 -17.47
CA LEU A 107 7.16 15.91 -18.45
C LEU A 107 8.44 16.75 -18.50
N THR A 108 9.59 16.09 -18.40
CA THR A 108 10.87 16.76 -18.69
C THR A 108 11.73 15.83 -19.54
N PRO A 109 12.46 16.40 -20.51
CA PRO A 109 13.32 15.61 -21.37
C PRO A 109 14.55 15.10 -20.63
N ALA A 110 15.20 14.09 -21.17
CA ALA A 110 16.31 13.43 -20.49
C ALA A 110 17.42 14.40 -20.10
N GLU A 111 17.67 15.39 -20.93
CA GLU A 111 18.79 16.31 -20.70
C GLU A 111 18.62 17.16 -19.44
N GLN A 112 17.39 17.28 -18.93
CA GLN A 112 17.15 18.05 -17.71
C GLN A 112 17.36 17.26 -16.42
N GLY A 113 17.69 15.98 -16.55
CA GLY A 113 18.02 15.18 -15.39
C GLY A 113 16.81 14.89 -14.50
N VAL A 114 17.12 14.57 -13.25
CA VAL A 114 16.11 14.21 -12.25
C VAL A 114 16.02 15.31 -11.21
N ASP A 115 14.80 15.74 -10.89
CA ASP A 115 14.61 16.77 -9.86
C ASP A 115 13.43 16.42 -8.97
N PRO A 116 13.71 15.82 -7.79
CA PRO A 116 12.63 15.41 -6.88
C PRO A 116 11.86 16.59 -6.28
N SER A 117 12.39 17.80 -6.36
CA SER A 117 11.65 18.94 -5.85
C SER A 117 10.47 19.25 -6.77
N LYS A 118 10.43 18.60 -7.92
CA LYS A 118 9.35 18.71 -8.91
C LYS A 118 8.37 17.54 -8.83
N TRP A 119 8.59 16.63 -7.88
CA TRP A 119 7.68 15.50 -7.70
C TRP A 119 6.59 15.89 -6.72
N HIS A 120 5.37 16.00 -7.21
CA HIS A 120 4.30 16.53 -6.39
C HIS A 120 3.47 15.41 -5.79
N ASN A 121 2.82 15.70 -4.67
CA ASN A 121 2.02 14.68 -4.02
C ASN A 121 0.90 14.22 -4.95
N PHE A 122 0.79 12.90 -5.12
CA PHE A 122 -0.11 12.32 -6.11
C PHE A 122 -1.37 11.85 -5.41
N GLU A 123 -2.37 12.71 -5.38
CA GLU A 123 -3.51 12.53 -4.50
C GLU A 123 -4.42 11.39 -4.89
N VAL A 124 -4.36 10.93 -6.14
CA VAL A 124 -5.21 9.83 -6.58
C VAL A 124 -4.97 8.57 -5.73
N THR A 125 -3.79 8.46 -5.14
CA THR A 125 -3.47 7.31 -4.28
C THR A 125 -4.30 7.28 -2.99
N MET A 126 -4.96 8.38 -2.67
CA MET A 126 -5.79 8.45 -1.47
C MET A 126 -7.27 8.64 -1.82
N ARG A 127 -7.59 8.63 -3.11
CA ARG A 127 -8.97 8.72 -3.56
C ARG A 127 -9.70 7.41 -3.27
N LEU A 128 -10.94 7.54 -2.80
CA LEU A 128 -11.77 6.40 -2.46
C LEU A 128 -13.12 6.54 -3.14
N ARG A 129 -13.99 5.55 -2.93
CA ARG A 129 -15.39 5.62 -3.35
C ARG A 129 -16.26 5.42 -2.14
N ASP A 130 -17.36 6.16 -2.11
CA ASP A 130 -18.32 6.05 -1.03
C ASP A 130 -19.67 5.78 -1.67
N ASN A 131 -20.20 4.60 -1.40
CA ASN A 131 -21.41 4.11 -2.06
C ASN A 131 -21.29 4.26 -3.56
N GLY A 132 -20.10 3.95 -4.07
CA GLY A 132 -19.86 3.98 -5.50
C GLY A 132 -19.40 5.31 -6.08
N LYS A 133 -19.48 6.37 -5.29
CA LYS A 133 -19.14 7.72 -5.77
C LYS A 133 -17.73 8.13 -5.35
N LEU A 134 -16.96 8.70 -6.27
CA LEU A 134 -15.56 9.07 -5.97
C LEU A 134 -15.47 10.19 -4.95
N VAL A 135 -14.61 9.99 -3.96
CA VAL A 135 -14.33 10.98 -2.93
C VAL A 135 -12.83 11.24 -2.87
N GLU A 136 -12.42 12.47 -3.15
CA GLU A 136 -11.01 12.83 -3.07
C GLU A 136 -10.56 12.99 -1.63
N HIS A 137 -9.30 12.66 -1.38
CA HIS A 137 -8.64 12.88 -0.09
C HIS A 137 -7.22 13.34 -0.34
N SER A 138 -6.82 14.46 0.26
CA SER A 138 -5.42 14.89 0.17
C SER A 138 -4.64 14.47 1.43
N SER A 139 -5.39 13.99 2.42
CA SER A 139 -4.86 13.45 3.67
C SER A 139 -6.03 12.78 4.37
N PHE A 140 -5.74 12.08 5.46
CA PHE A 140 -6.78 11.53 6.34
C PHE A 140 -6.62 12.16 7.71
N ALA A 141 -7.65 12.87 8.14
CA ALA A 141 -7.63 13.47 9.47
C ALA A 141 -7.77 12.38 10.52
N GLY A 142 -6.95 12.42 11.56
CA GLY A 142 -7.24 11.59 12.72
C GLY A 142 -8.60 11.99 13.26
N ASP A 143 -9.38 11.03 13.77
CA ASP A 143 -10.65 11.39 14.37
C ASP A 143 -10.40 12.49 15.39
N PRO A 144 -11.04 13.66 15.24
CA PRO A 144 -10.58 14.78 16.07
C PRO A 144 -10.82 14.60 17.57
N GLU A 145 -11.88 13.91 17.96
CA GLU A 145 -12.06 13.60 19.37
C GLU A 145 -10.98 12.64 19.86
N LEU A 146 -10.63 11.63 19.07
CA LEU A 146 -9.56 10.70 19.47
C LEU A 146 -8.23 11.44 19.58
N VAL A 147 -7.95 12.33 18.64
CA VAL A 147 -6.76 13.15 18.67
C VAL A 147 -6.74 14.01 19.94
N GLY A 148 -7.85 14.71 20.20
CA GLY A 148 -7.96 15.56 21.37
C GLY A 148 -7.74 14.80 22.67
N ARG A 149 -8.31 13.61 22.79
CA ARG A 149 -8.11 12.79 23.99
C ARG A 149 -6.63 12.52 24.23
N ALA A 150 -5.90 12.16 23.18
CA ALA A 150 -4.49 11.85 23.35
C ALA A 150 -3.72 13.09 23.80
N LEU A 151 -4.03 14.24 23.19
CA LEU A 151 -3.39 15.49 23.62
C LEU A 151 -3.75 15.84 25.07
N GLY A 152 -4.99 15.60 25.46
CA GLY A 152 -5.42 15.84 26.83
C GLY A 152 -4.68 14.96 27.83
N MET A 153 -4.23 13.78 27.38
CA MET A 153 -3.48 12.86 28.22
C MET A 153 -1.96 13.08 28.15
N ALA A 154 -1.53 14.18 27.55
CA ALA A 154 -0.10 14.42 27.32
C ALA A 154 0.75 14.28 28.58
N ASP A 155 0.26 14.80 29.69
CA ASP A 155 1.09 14.78 30.88
C ASP A 155 1.05 13.46 31.63
N ARG A 156 0.38 12.46 31.05
CA ARG A 156 0.48 11.09 31.54
C ARG A 156 1.62 10.32 30.86
N TYR A 157 2.19 10.89 29.80
CA TYR A 157 3.33 10.27 29.13
C TYR A 157 4.61 10.65 29.85
N ARG A 158 5.36 9.64 30.28
CA ARG A 158 6.48 9.86 31.19
C ARG A 158 7.82 10.12 30.51
N HIS A 159 7.88 10.03 29.18
CA HIS A 159 9.18 10.01 28.50
C HIS A 159 9.33 10.96 27.32
N GLY A 160 8.61 12.07 27.35
CA GLY A 160 8.79 13.09 26.33
C GLY A 160 7.54 13.92 26.14
N ARG A 161 7.59 14.80 25.16
CA ARG A 161 6.44 15.62 24.83
C ARG A 161 5.40 14.82 24.03
N VAL A 162 4.15 15.23 24.13
CA VAL A 162 3.09 14.73 23.27
C VAL A 162 2.53 15.92 22.50
N VAL A 163 2.65 15.88 21.17
CA VAL A 163 2.34 17.03 20.32
C VAL A 163 1.43 16.61 19.19
N PRO A 164 0.56 17.52 18.73
CA PRO A 164 -0.15 17.24 17.48
C PRO A 164 0.78 17.39 16.30
N GLY A 165 0.61 16.58 15.27
CA GLY A 165 1.43 16.76 14.09
C GLY A 165 0.94 15.99 12.89
N ILE A 166 1.56 16.26 11.76
CA ILE A 166 1.25 15.59 10.51
C ILE A 166 2.20 14.40 10.32
N ILE A 167 1.62 13.23 10.11
CA ILE A 167 2.38 12.01 9.90
C ILE A 167 2.51 11.72 8.41
N GLY A 168 3.75 11.68 7.92
CA GLY A 168 4.05 11.41 6.52
C GLY A 168 4.36 9.94 6.32
N THR A 169 3.45 9.23 5.66
CA THR A 169 3.58 7.81 5.42
C THR A 169 4.19 7.51 4.06
N ALA A 170 5.20 6.65 4.03
CA ALA A 170 5.82 6.26 2.77
C ALA A 170 6.55 4.96 2.96
N ASP A 171 6.77 4.24 1.85
CA ASP A 171 7.61 3.05 1.85
C ASP A 171 9.08 3.48 1.82
N GLU A 172 9.47 4.30 2.79
CA GLU A 172 10.74 4.99 2.77
C GLU A 172 11.37 5.09 4.14
N TRP A 173 12.69 5.10 4.14
CA TRP A 173 13.45 5.57 5.29
CA TRP A 173 13.49 5.52 5.28
C TRP A 173 14.45 6.58 4.75
N ASN A 174 14.15 7.85 4.99
CA ASN A 174 14.96 8.95 4.49
C ASN A 174 16.05 9.35 5.47
N ARG A 175 17.30 9.35 5.00
CA ARG A 175 18.40 9.80 5.84
C ARG A 175 19.22 10.89 5.14
N GLN A 176 18.79 11.34 3.96
CA GLN A 176 19.41 12.54 3.38
C GLN A 176 18.76 13.72 4.06
N VAL A 177 19.53 14.42 4.89
CA VAL A 177 18.96 15.48 5.72
C VAL A 177 18.30 16.57 4.86
N ALA A 178 18.88 16.88 3.69
CA ALA A 178 18.26 17.87 2.82
C ALA A 178 16.87 17.42 2.33
N ARG A 179 16.69 16.11 2.18
CA ARG A 179 15.39 15.57 1.75
C ARG A 179 14.38 15.63 2.89
N ILE A 180 14.82 15.25 4.09
CA ILE A 180 13.98 15.40 5.28
C ILE A 180 13.51 16.84 5.41
N ASN A 181 14.46 17.78 5.28
CA ASN A 181 14.11 19.20 5.38
C ASN A 181 13.11 19.62 4.32
N TRP A 182 13.32 19.18 3.08
CA TRP A 182 12.40 19.52 2.00
C TRP A 182 11.00 18.97 2.28
N LEU A 183 10.92 17.72 2.73
CA LEU A 183 9.62 17.14 3.03
C LEU A 183 8.91 17.90 4.15
N HIS A 184 9.66 18.26 5.19
CA HIS A 184 9.09 19.05 6.27
C HIS A 184 8.59 20.41 5.82
N GLN A 185 9.37 21.07 4.97
CA GLN A 185 9.01 22.42 4.53
C GLN A 185 7.84 22.39 3.57
N THR A 186 7.73 21.32 2.81
CA THR A 186 6.68 21.21 1.79
C THR A 186 5.36 20.73 2.38
N TYR A 187 5.43 19.77 3.31
CA TYR A 187 4.23 19.09 3.82
C TYR A 187 3.94 19.33 5.30
N GLN A 188 4.82 20.08 5.98
CA GLN A 188 4.67 20.38 7.41
C GLN A 188 4.63 19.10 8.24
N THR A 189 5.40 18.10 7.83
CA THR A 189 5.46 16.83 8.55
C THR A 189 6.16 16.92 9.90
N ALA A 190 5.61 16.23 10.89
CA ALA A 190 6.28 16.08 12.18
C ALA A 190 7.27 14.94 12.14
N ALA A 191 6.90 13.87 11.43
CA ALA A 191 7.69 12.65 11.40
C ALA A 191 7.27 11.79 10.23
N GLU A 192 8.14 10.86 9.84
CA GLU A 192 7.86 9.90 8.77
C GLU A 192 7.82 8.47 9.30
N GLU A 193 6.94 7.67 8.71
CA GLU A 193 6.87 6.26 9.01
CA GLU A 193 6.90 6.25 9.01
C GLU A 193 6.26 5.54 7.81
N MET A 194 5.88 4.27 7.99
CA MET A 194 5.59 3.46 6.82
C MET A 194 4.22 2.80 6.78
N GLU A 195 3.31 3.15 7.69
CA GLU A 195 1.97 2.50 7.70
C GLU A 195 0.77 3.40 7.86
N THR A 196 0.91 4.52 8.57
CA THR A 196 -0.24 5.19 9.15
C THR A 196 -1.32 5.56 8.12
N SER A 197 -0.93 6.24 7.05
CA SER A 197 -1.94 6.73 6.10
C SER A 197 -2.61 5.60 5.33
N SER A 198 -1.95 4.45 5.27
CA SER A 198 -2.51 3.31 4.58
C SER A 198 -3.58 2.65 5.45
N ALA A 199 -3.27 2.46 6.72
CA ALA A 199 -4.28 2.01 7.68
C ALA A 199 -5.43 3.03 7.77
N ALA A 200 -5.09 4.32 7.72
CA ALA A 200 -6.10 5.37 7.79
C ALA A 200 -7.03 5.34 6.57
N LEU A 201 -6.47 5.04 5.41
CA LEU A 201 -7.24 4.96 4.18
C LEU A 201 -8.30 3.86 4.33
N VAL A 202 -7.89 2.70 4.84
CA VAL A 202 -8.83 1.60 5.01
C VAL A 202 -9.88 1.94 6.07
N ALA A 203 -9.47 2.56 7.17
CA ALA A 203 -10.43 2.96 8.19
C ALA A 203 -11.44 3.97 7.64
N GLU A 204 -10.99 4.90 6.79
CA GLU A 204 -11.92 5.83 6.16
C GLU A 204 -12.91 5.10 5.27
N ALA A 205 -12.43 4.13 4.49
CA ALA A 205 -13.30 3.38 3.60
C ALA A 205 -14.40 2.65 4.38
N TYR A 206 -14.04 2.13 5.55
CA TYR A 206 -14.99 1.41 6.40
C TYR A 206 -15.72 2.31 7.40
N LYS A 207 -15.40 3.60 7.38
CA LYS A 207 -16.01 4.60 8.27
C LYS A 207 -15.87 4.19 9.75
N VAL A 208 -14.63 3.86 10.10
CA VAL A 208 -14.27 3.51 11.47
C VAL A 208 -13.29 4.55 12.01
N PRO A 209 -13.60 5.16 13.17
CA PRO A 209 -12.71 6.19 13.71
C PRO A 209 -11.29 5.68 13.89
N PHE A 210 -10.33 6.54 13.56
CA PHE A 210 -8.91 6.17 13.47
C PHE A 210 -8.05 7.23 14.13
N VAL A 211 -6.99 6.81 14.81
CA VAL A 211 -5.98 7.76 15.25
C VAL A 211 -4.60 7.12 15.15
N GLY A 212 -3.65 7.90 14.64
CA GLY A 212 -2.25 7.52 14.61
C GLY A 212 -1.47 8.13 15.76
N ILE A 213 -0.69 7.31 16.45
CA ILE A 213 0.11 7.73 17.60
C ILE A 213 1.51 7.20 17.40
N ARG A 214 2.47 8.10 17.18
CA ARG A 214 3.82 7.69 16.82
C ARG A 214 4.88 8.30 17.71
N VAL A 215 5.78 7.46 18.21
CA VAL A 215 6.94 7.97 18.93
C VAL A 215 8.11 8.16 17.97
N LEU A 216 8.87 9.23 18.16
CA LEU A 216 10.12 9.37 17.43
C LEU A 216 11.13 8.38 18.00
N SER A 217 11.50 7.39 17.22
CA SER A 217 12.55 6.46 17.64
C SER A 217 13.93 7.00 17.31
N ASN A 218 13.97 8.03 16.47
CA ASN A 218 15.22 8.52 15.90
C ASN A 218 14.95 9.83 15.21
N THR A 219 15.99 10.64 15.04
CA THR A 219 15.89 11.75 14.11
C THR A 219 17.28 12.16 13.65
N ASP A 220 17.46 12.19 12.34
CA ASP A 220 18.75 12.57 11.77
C ASP A 220 18.95 14.08 11.82
N LEU A 221 17.93 14.82 12.24
CA LEU A 221 18.06 16.26 12.43
C LEU A 221 18.86 16.57 13.70
N HIS A 222 19.02 15.57 14.57
CA HIS A 222 19.75 15.77 15.82
C HIS A 222 20.74 14.66 16.11
N GLY A 223 21.06 13.86 15.10
CA GLY A 223 22.02 12.78 15.27
C GLY A 223 21.58 11.74 16.28
N GLU A 224 20.26 11.57 16.40
CA GLU A 224 19.71 10.62 17.35
C GLU A 224 19.35 9.32 16.65
N GLU A 225 20.12 8.28 16.94
CA GLU A 225 19.95 6.97 16.32
C GLU A 225 18.78 6.21 16.92
N PHE A 226 18.33 5.18 16.21
CA PHE A 226 17.19 4.37 16.62
C PHE A 226 17.34 3.77 18.01
N ASP A 227 16.35 4.01 18.86
CA ASP A 227 16.28 3.41 20.20
C ASP A 227 15.00 2.61 20.32
N PRO A 228 15.11 1.27 20.36
CA PRO A 228 13.94 0.40 20.45
C PRO A 228 13.11 0.62 21.71
N GLN A 229 13.70 1.15 22.78
CA GLN A 229 12.93 1.40 23.99
C GLN A 229 11.79 2.40 23.76
N THR A 230 11.95 3.29 22.77
CA THR A 230 10.87 4.23 22.47
C THR A 230 9.60 3.49 22.05
N ALA A 231 9.74 2.36 21.37
CA ALA A 231 8.57 1.58 20.96
C ALA A 231 7.81 1.04 22.15
N ILE A 232 8.54 0.63 23.19
CA ILE A 232 7.92 0.14 24.42
C ILE A 232 7.18 1.30 25.09
N HIS A 233 7.83 2.46 25.17
CA HIS A 233 7.23 3.62 25.79
C HIS A 233 5.95 4.05 25.08
N CYS A 234 5.95 3.96 23.76
CA CYS A 234 4.78 4.31 22.99
C CYS A 234 3.63 3.35 23.33
N GLN A 235 3.91 2.06 23.34
CA GLN A 235 2.87 1.09 23.72
C GLN A 235 2.31 1.33 25.12
N GLN A 236 3.16 1.70 26.08
CA GLN A 236 2.66 2.00 27.42
C GLN A 236 1.68 3.15 27.42
N PHE A 237 2.01 4.21 26.68
CA PHE A 237 1.09 5.34 26.55
C PHE A 237 -0.22 4.90 25.89
N VAL A 238 -0.11 4.12 24.82
CA VAL A 238 -1.29 3.65 24.11
C VAL A 238 -2.19 2.74 24.97
N ILE A 239 -1.59 1.92 25.83
CA ILE A 239 -2.38 1.11 26.76
C ILE A 239 -3.18 2.00 27.71
N ASP A 240 -2.53 3.04 28.24
CA ASP A 240 -3.19 3.98 29.13
C ASP A 240 -4.33 4.68 28.40
N TYR A 241 -4.04 5.12 27.17
CA TYR A 241 -5.02 5.76 26.30
C TYR A 241 -6.22 4.85 26.01
N ALA A 242 -5.95 3.60 25.64
CA ALA A 242 -7.04 2.66 25.37
C ALA A 242 -7.89 2.38 26.63
N LYS A 243 -7.23 2.24 27.79
CA LYS A 243 -7.97 2.05 29.03
C LYS A 243 -8.87 3.25 29.34
N ALA A 244 -8.42 4.46 29.00
CA ALA A 244 -9.27 5.62 29.23
C ALA A 244 -10.51 5.58 28.34
N LEU A 245 -10.33 5.19 27.09
CA LEU A 245 -11.48 5.00 26.20
C LEU A 245 -12.44 3.97 26.77
N ILE A 246 -11.92 2.85 27.22
CA ILE A 246 -12.71 1.75 27.76
C ILE A 246 -13.51 2.21 28.99
N ASN A 247 -12.92 3.03 29.83
CA ASN A 247 -13.61 3.55 31.01
C ASN A 247 -14.84 4.32 30.58
N GLY A 248 -14.80 4.93 29.42
CA GLY A 248 -15.93 5.66 28.90
C GLY A 248 -16.95 4.84 28.18
N PHE A 249 -16.62 3.64 27.75
CA PHE A 249 -17.58 2.83 27.09
C PHE A 249 -18.46 2.38 28.25
N SER B 2 -15.14 -24.90 -7.52
CA SER B 2 -15.96 -23.78 -7.93
C SER B 2 -15.38 -22.44 -7.49
N ALA B 3 -14.10 -22.45 -7.13
CA ALA B 3 -13.42 -21.23 -6.70
C ALA B 3 -13.24 -20.30 -7.89
N PRO B 4 -13.60 -19.03 -7.74
CA PRO B 4 -13.58 -18.14 -8.90
C PRO B 4 -12.18 -17.69 -9.33
N ILE B 5 -12.07 -17.32 -10.60
CA ILE B 5 -10.97 -16.48 -11.05
C ILE B 5 -11.24 -15.04 -10.61
N LEU B 6 -10.26 -14.42 -9.97
CA LEU B 6 -10.37 -13.00 -9.63
C LEU B 6 -9.64 -12.17 -10.68
N ILE B 7 -10.34 -11.23 -11.29
CA ILE B 7 -9.71 -10.33 -12.27
C ILE B 7 -9.84 -8.90 -11.79
N GLN B 8 -8.71 -8.20 -11.73
CA GLN B 8 -8.66 -6.86 -11.15
C GLN B 8 -8.33 -5.78 -12.16
N GLY B 9 -8.91 -4.59 -11.94
CA GLY B 9 -8.48 -3.37 -12.60
C GLY B 9 -8.72 -2.22 -11.66
N ALA B 10 -7.95 -1.14 -11.80
CA ALA B 10 -8.00 -0.05 -10.82
C ALA B 10 -9.14 0.94 -11.07
N MET B 11 -9.25 1.38 -12.32
CA MET B 11 -10.19 2.43 -12.71
C MET B 11 -11.37 1.85 -13.46
N ASP B 12 -12.45 2.62 -13.55
CA ASP B 12 -13.62 2.19 -14.32
C ASP B 12 -13.26 1.74 -15.73
N VAL B 13 -12.40 2.50 -16.40
CA VAL B 13 -12.08 2.18 -17.79
C VAL B 13 -11.30 0.86 -17.90
N GLU B 14 -10.73 0.42 -16.79
CA GLU B 14 -9.98 -0.85 -16.76
C GLU B 14 -10.81 -2.06 -16.34
N VAL B 15 -12.09 -1.87 -16.03
CA VAL B 15 -12.94 -3.01 -15.63
C VAL B 15 -14.29 -3.10 -16.36
N GLU B 16 -14.75 -2.03 -17.01
CA GLU B 16 -16.10 -2.06 -17.56
C GLU B 16 -16.28 -3.09 -18.68
N THR B 17 -15.23 -3.36 -19.44
CA THR B 17 -15.27 -4.37 -20.49
C THR B 17 -15.35 -5.77 -19.88
N LEU B 18 -14.56 -6.01 -18.83
CA LEU B 18 -14.68 -7.25 -18.06
C LEU B 18 -16.08 -7.44 -17.48
N VAL B 19 -16.62 -6.40 -16.88
CA VAL B 19 -17.93 -6.50 -16.23
C VAL B 19 -19.01 -6.81 -17.28
N ALA B 20 -18.91 -6.20 -18.46
CA ALA B 20 -19.88 -6.44 -19.53
C ALA B 20 -19.84 -7.88 -20.05
N ALA B 21 -18.71 -8.57 -19.87
CA ALA B 21 -18.58 -9.94 -20.35
C ALA B 21 -19.18 -10.97 -19.40
N LEU B 22 -19.42 -10.59 -18.15
CA LEU B 22 -19.96 -11.51 -17.17
C LEU B 22 -21.42 -11.83 -17.38
N LYS B 23 -21.79 -13.07 -17.15
CA LYS B 23 -23.18 -13.46 -17.18
C LYS B 23 -23.66 -13.59 -15.73
N ASP B 24 -24.94 -13.31 -15.49
CA ASP B 24 -25.60 -13.45 -14.20
C ASP B 24 -24.89 -12.76 -13.06
N LYS B 25 -24.65 -11.54 -13.30
CA LYS B 25 -23.84 -10.66 -12.44
C LYS B 25 -24.56 -10.32 -11.14
N GLN B 26 -23.83 -10.38 -10.05
CA GLN B 26 -24.27 -9.86 -8.76
C GLN B 26 -23.21 -8.89 -8.26
N GLU B 27 -23.62 -7.68 -7.90
CA GLU B 27 -22.69 -6.64 -7.47
C GLU B 27 -22.61 -6.57 -5.95
N LEU B 28 -21.40 -6.38 -5.43
CA LEU B 28 -21.16 -6.24 -3.99
C LEU B 28 -20.18 -5.10 -3.74
N THR B 29 -20.52 -4.19 -2.83
CA THR B 29 -19.61 -3.11 -2.45
C THR B 29 -19.38 -3.18 -0.96
N VAL B 30 -18.11 -3.24 -0.57
CA VAL B 30 -17.72 -3.20 0.84
C VAL B 30 -16.66 -2.11 0.97
N GLY B 31 -16.85 -1.20 1.92
CA GLY B 31 -15.91 -0.10 2.06
C GLY B 31 -15.87 0.71 0.77
N SER B 32 -14.68 0.84 0.19
CA SER B 32 -14.50 1.58 -1.05
C SER B 32 -14.47 0.68 -2.29
N TRP B 33 -14.72 -0.61 -2.11
CA TRP B 33 -14.38 -1.58 -3.15
C TRP B 33 -15.58 -2.37 -3.68
N THR B 34 -15.76 -2.31 -5.00
CA THR B 34 -16.87 -2.97 -5.67
C THR B 34 -16.39 -4.22 -6.40
N TYR B 35 -17.21 -5.26 -6.33
CA TYR B 35 -16.96 -6.55 -6.96
C TYR B 35 -18.18 -6.93 -7.77
N TRP B 36 -17.95 -7.53 -8.93
CA TRP B 36 -19.01 -8.12 -9.71
C TRP B 36 -18.76 -9.63 -9.81
N GLN B 37 -19.69 -10.41 -9.29
CA GLN B 37 -19.61 -11.86 -9.28
C GLN B 37 -20.53 -12.42 -10.35
N GLY B 38 -19.97 -13.14 -11.31
CA GLY B 38 -20.76 -13.74 -12.36
C GLY B 38 -20.03 -14.92 -12.95
N THR B 39 -20.33 -15.24 -14.20
CA THR B 39 -19.61 -16.31 -14.88
C THR B 39 -19.05 -15.88 -16.23
N LEU B 40 -17.95 -16.52 -16.60
CA LEU B 40 -17.40 -16.48 -17.95
C LEU B 40 -17.32 -17.92 -18.40
N SER B 41 -17.85 -18.22 -19.58
CA SER B 41 -17.88 -19.59 -20.09
C SER B 41 -18.44 -20.57 -19.05
N GLY B 42 -19.41 -20.09 -18.28
CA GLY B 42 -20.08 -20.89 -17.28
C GLY B 42 -19.34 -21.10 -15.97
N TYR B 43 -18.16 -20.49 -15.84
CA TYR B 43 -17.30 -20.68 -14.68
C TYR B 43 -17.28 -19.41 -13.80
N PRO B 44 -17.28 -19.58 -12.47
CA PRO B 44 -17.31 -18.36 -11.61
C PRO B 44 -16.11 -17.43 -11.78
N VAL B 45 -16.42 -16.16 -11.97
CA VAL B 45 -15.41 -15.10 -12.10
C VAL B 45 -15.85 -13.91 -11.26
N VAL B 46 -14.91 -13.32 -10.52
CA VAL B 46 -15.17 -12.09 -9.79
C VAL B 46 -14.29 -11.00 -10.39
N VAL B 47 -14.92 -9.92 -10.83
CA VAL B 47 -14.19 -8.75 -11.29
C VAL B 47 -14.15 -7.74 -10.15
N SER B 48 -12.95 -7.22 -9.89
CA SER B 48 -12.72 -6.27 -8.80
C SER B 48 -12.20 -4.96 -9.35
N ARG B 49 -12.86 -3.85 -8.99
CA ARG B 49 -12.34 -2.51 -9.25
C ARG B 49 -11.58 -2.10 -8.00
N THR B 50 -10.25 -2.06 -8.09
CA THR B 50 -9.44 -1.92 -6.89
C THR B 50 -9.26 -0.50 -6.37
N GLU B 51 -9.56 0.50 -7.21
CA GLU B 51 -9.09 1.87 -7.03
C GLU B 51 -7.56 1.89 -7.14
N VAL B 52 -6.96 3.04 -6.93
CA VAL B 52 -5.60 3.28 -7.43
C VAL B 52 -4.54 3.28 -6.33
N GLY B 53 -3.40 2.66 -6.60
CA GLY B 53 -2.26 2.74 -5.69
C GLY B 53 -2.08 1.51 -4.82
N LEU B 54 -0.96 1.48 -4.09
CA LEU B 54 -0.58 0.27 -3.36
C LEU B 54 -1.54 -0.06 -2.22
N ALA B 55 -1.94 0.94 -1.45
CA ALA B 55 -2.84 0.68 -0.33
C ALA B 55 -4.18 0.16 -0.83
N ASN B 56 -4.76 0.84 -1.82
CA ASN B 56 -6.02 0.38 -2.39
C ASN B 56 -5.91 -1.03 -2.97
N ALA B 57 -4.83 -1.31 -3.71
CA ALA B 57 -4.66 -2.65 -4.28
C ALA B 57 -4.60 -3.73 -3.20
N ALA B 58 -3.85 -3.46 -2.13
CA ALA B 58 -3.73 -4.47 -1.09
C ALA B 58 -5.05 -4.68 -0.35
N ALA B 59 -5.78 -3.59 -0.07
CA ALA B 59 -7.08 -3.69 0.58
C ALA B 59 -8.05 -4.48 -0.30
N ALA B 60 -8.14 -4.10 -1.58
CA ALA B 60 -9.09 -4.77 -2.49
C ALA B 60 -8.76 -6.25 -2.66
N THR B 61 -7.47 -6.59 -2.68
CA THR B 61 -7.07 -7.97 -2.86
C THR B 61 -7.39 -8.78 -1.59
N THR B 62 -7.06 -8.23 -0.43
CA THR B 62 -7.31 -8.90 0.84
C THR B 62 -8.80 -9.14 1.03
N LEU B 63 -9.61 -8.12 0.75
CA LEU B 63 -11.05 -8.23 0.86
C LEU B 63 -11.59 -9.35 -0.06
N ALA B 64 -11.07 -9.43 -1.29
CA ALA B 64 -11.46 -10.51 -2.21
C ALA B 64 -11.07 -11.88 -1.70
N MET B 65 -9.88 -11.99 -1.08
CA MET B 65 -9.47 -13.27 -0.52
C MET B 65 -10.44 -13.71 0.55
N GLU B 66 -10.81 -12.80 1.43
CA GLU B 66 -11.69 -13.12 2.54
C GLU B 66 -13.10 -13.46 2.07
N ARG B 67 -13.60 -12.72 1.09
CA ARG B 67 -14.98 -12.88 0.63
C ARG B 67 -15.17 -14.01 -0.37
N PHE B 68 -14.18 -14.25 -1.24
CA PHE B 68 -14.41 -15.11 -2.40
C PHE B 68 -13.48 -16.30 -2.54
N GLN B 69 -12.37 -16.32 -1.81
CA GLN B 69 -11.39 -17.41 -1.88
C GLN B 69 -11.08 -17.82 -3.33
N PRO B 70 -10.53 -16.91 -4.12
CA PRO B 70 -10.30 -17.23 -5.54
C PRO B 70 -9.21 -18.26 -5.76
N ARG B 71 -9.29 -18.97 -6.89
CA ARG B 71 -8.26 -19.96 -7.17
C ARG B 71 -7.02 -19.36 -7.85
N LEU B 72 -7.18 -18.20 -8.48
CA LEU B 72 -6.03 -17.48 -9.06
C LEU B 72 -6.44 -16.02 -9.26
N VAL B 73 -5.44 -15.16 -9.37
CA VAL B 73 -5.65 -13.73 -9.55
C VAL B 73 -4.95 -13.25 -10.80
N ILE B 74 -5.71 -12.55 -11.65
CA ILE B 74 -5.17 -11.80 -12.77
C ILE B 74 -5.32 -10.33 -12.45
N ASN B 75 -4.19 -9.63 -12.29
CA ASN B 75 -4.23 -8.20 -12.11
C ASN B 75 -3.85 -7.55 -13.42
N GLN B 76 -4.69 -6.66 -13.93
CA GLN B 76 -4.40 -6.08 -15.24
C GLN B 76 -4.74 -4.60 -15.27
N GLY B 77 -4.42 -3.95 -16.39
CA GLY B 77 -4.68 -2.54 -16.55
C GLY B 77 -3.59 -1.89 -17.36
N THR B 78 -3.47 -0.57 -17.20
CA THR B 78 -2.53 0.23 -17.98
C THR B 78 -1.22 0.50 -17.23
N ALA B 79 -0.21 0.88 -17.98
CA ALA B 79 1.13 1.15 -17.46
C ALA B 79 1.85 2.11 -18.39
N GLY B 80 2.93 2.73 -17.89
CA GLY B 80 3.76 3.60 -18.69
C GLY B 80 5.09 2.95 -19.01
N GLY B 81 5.53 3.08 -20.26
CA GLY B 81 6.75 2.40 -20.68
C GLY B 81 8.03 2.86 -20.00
N HIS B 82 8.86 1.88 -19.65
CA HIS B 82 10.21 2.13 -19.13
C HIS B 82 11.29 1.61 -20.08
N ASP B 83 10.96 0.60 -20.88
CA ASP B 83 11.89 0.00 -21.82
C ASP B 83 11.69 0.68 -23.17
N PRO B 84 12.75 1.28 -23.74
CA PRO B 84 12.60 2.01 -25.01
C PRO B 84 12.19 1.11 -26.18
N ALA B 85 12.39 -0.19 -26.04
CA ALA B 85 11.95 -1.12 -27.09
C ALA B 85 10.44 -1.23 -27.20
N LEU B 86 9.73 -0.77 -26.16
CA LEU B 86 8.29 -0.97 -26.11
C LEU B 86 7.51 0.29 -26.47
N HIS B 87 6.32 0.09 -27.03
CA HIS B 87 5.47 1.19 -27.45
C HIS B 87 4.06 1.05 -26.92
N ARG B 88 3.33 2.16 -26.96
CA ARG B 88 1.94 2.18 -26.59
C ARG B 88 1.19 1.04 -27.29
N GLY B 89 0.42 0.28 -26.53
CA GLY B 89 -0.31 -0.85 -27.06
C GLY B 89 0.35 -2.20 -26.81
N ASP B 90 1.66 -2.22 -26.59
CA ASP B 90 2.33 -3.47 -26.24
C ASP B 90 1.85 -3.93 -24.88
N ILE B 91 1.78 -5.25 -24.69
CA ILE B 91 1.36 -5.82 -23.41
C ILE B 91 2.55 -6.51 -22.76
N VAL B 92 2.75 -6.20 -21.49
CA VAL B 92 3.78 -6.82 -20.67
C VAL B 92 3.16 -7.88 -19.75
N ILE B 93 3.68 -9.09 -19.83
CA ILE B 93 3.32 -10.14 -18.89
C ILE B 93 4.38 -10.16 -17.80
N GLY B 94 3.97 -9.99 -16.56
CA GLY B 94 4.92 -9.78 -15.48
C GLY B 94 5.67 -11.01 -15.03
N THR B 95 6.87 -11.21 -15.57
CA THR B 95 7.72 -12.29 -15.06
C THR B 95 7.96 -12.09 -13.57
N LYS B 96 8.12 -10.84 -13.17
CA LYS B 96 8.08 -10.48 -11.76
C LYS B 96 7.57 -9.05 -11.65
N SER B 97 7.06 -8.74 -10.47
CA SER B 97 6.74 -7.36 -10.11
C SER B 97 7.44 -7.07 -8.80
N PHE B 98 7.69 -5.80 -8.52
CA PHE B 98 8.31 -5.43 -7.25
C PHE B 98 7.91 -4.01 -6.88
N ASN B 99 8.10 -3.68 -5.61
CA ASN B 99 7.81 -2.34 -5.13
C ASN B 99 8.96 -1.42 -5.49
N MET B 100 8.82 -0.79 -6.65
CA MET B 100 9.81 0.14 -7.18
C MET B 100 9.88 1.43 -6.38
N GLY B 101 8.80 1.78 -5.69
CA GLY B 101 8.76 3.00 -4.91
C GLY B 101 9.36 2.88 -3.51
N ALA B 102 9.82 1.70 -3.14
CA ALA B 102 10.39 1.51 -1.82
C ALA B 102 11.84 2.00 -1.80
N TYR B 103 12.13 2.98 -0.95
CA TYR B 103 13.45 3.60 -0.95
C TYR B 103 14.03 3.72 0.46
N ARG B 104 15.28 3.31 0.63
CA ARG B 104 16.02 3.66 1.83
C ARG B 104 17.28 4.41 1.42
N SER B 105 17.67 5.41 2.19
CA SER B 105 18.86 6.16 1.85
C SER B 105 19.83 6.23 3.02
N ASP B 106 21.10 6.40 2.67
CA ASP B 106 22.16 6.49 3.64
C ASP B 106 22.28 7.92 4.15
N LEU B 107 22.80 8.07 5.37
CA LEU B 107 22.88 9.37 6.02
C LEU B 107 23.77 10.35 5.26
N THR B 108 23.22 11.50 4.91
CA THR B 108 24.02 12.59 4.35
C THR B 108 23.62 13.90 4.99
N PRO B 109 24.60 14.74 5.32
CA PRO B 109 24.29 16.06 5.87
C PRO B 109 23.59 16.96 4.86
N ALA B 110 22.92 17.98 5.34
CA ALA B 110 22.12 18.87 4.50
C ALA B 110 22.94 19.48 3.37
N GLU B 111 24.21 19.77 3.66
CA GLU B 111 25.10 20.38 2.70
C GLU B 111 25.21 19.59 1.39
N GLN B 112 25.01 18.27 1.46
CA GLN B 112 25.19 17.40 0.29
C GLN B 112 23.96 17.32 -0.61
N GLY B 113 22.86 17.94 -0.21
CA GLY B 113 21.68 17.97 -1.05
C GLY B 113 20.95 16.64 -1.16
N VAL B 114 20.18 16.50 -2.23
CA VAL B 114 19.33 15.32 -2.43
C VAL B 114 19.75 14.59 -3.69
N ASP B 115 20.00 13.29 -3.58
CA ASP B 115 20.43 12.51 -4.74
C ASP B 115 19.70 11.18 -4.77
N PRO B 116 18.60 11.10 -5.55
CA PRO B 116 17.84 9.84 -5.63
C PRO B 116 18.63 8.70 -6.25
N SER B 117 19.72 8.98 -6.97
CA SER B 117 20.48 7.90 -7.57
C SER B 117 21.23 7.10 -6.51
N LYS B 118 21.26 7.62 -5.29
CA LYS B 118 21.93 6.93 -4.18
C LYS B 118 20.96 6.10 -3.36
N TRP B 119 19.66 6.25 -3.62
CA TRP B 119 18.65 5.52 -2.85
C TRP B 119 18.69 4.04 -3.21
N HIS B 120 18.35 3.20 -2.24
CA HIS B 120 18.33 1.76 -2.44
C HIS B 120 16.93 1.22 -2.36
N ASN B 121 16.63 0.19 -3.13
CA ASN B 121 15.33 -0.47 -3.00
C ASN B 121 15.18 -1.03 -1.59
N PHE B 122 14.05 -0.72 -0.95
CA PHE B 122 13.83 -1.00 0.47
C PHE B 122 12.99 -2.27 0.61
N GLU B 123 13.67 -3.40 0.68
CA GLU B 123 13.01 -4.69 0.49
C GLU B 123 12.12 -5.11 1.65
N VAL B 124 12.27 -4.48 2.81
CA VAL B 124 11.43 -4.84 3.96
C VAL B 124 9.94 -4.61 3.65
N THR B 125 9.66 -3.73 2.68
CA THR B 125 8.28 -3.46 2.28
C THR B 125 7.62 -4.66 1.59
N MET B 126 8.42 -5.64 1.18
CA MET B 126 7.91 -6.85 0.54
C MET B 126 8.09 -8.08 1.41
N ARG B 127 8.66 -7.88 2.61
CA ARG B 127 8.82 -8.98 3.55
C ARG B 127 7.48 -9.43 4.11
N LEU B 128 7.31 -10.74 4.20
CA LEU B 128 6.08 -11.34 4.72
C LEU B 128 6.40 -12.31 5.84
N ARG B 129 5.36 -12.88 6.44
CA ARG B 129 5.47 -14.01 7.34
C ARG B 129 4.67 -15.15 6.79
N ASP B 130 5.15 -16.37 7.00
CA ASP B 130 4.47 -17.57 6.57
C ASP B 130 4.46 -18.51 7.76
N ASN B 131 3.26 -18.85 8.22
CA ASN B 131 3.10 -19.57 9.47
C ASN B 131 3.87 -18.86 10.58
N GLY B 132 3.86 -17.53 10.52
CA GLY B 132 4.51 -16.72 11.53
C GLY B 132 6.00 -16.45 11.36
N LYS B 133 6.65 -17.14 10.41
CA LYS B 133 8.08 -17.00 10.19
C LYS B 133 8.44 -16.00 9.06
N LEU B 134 9.41 -15.12 9.28
CA LEU B 134 9.73 -14.09 8.30
C LEU B 134 10.26 -14.69 7.00
N VAL B 135 9.73 -14.20 5.89
CA VAL B 135 10.16 -14.59 4.56
C VAL B 135 10.46 -13.33 3.75
N GLU B 136 11.73 -13.17 3.37
CA GLU B 136 12.13 -12.04 2.55
C GLU B 136 11.68 -12.20 1.11
N HIS B 137 11.38 -11.07 0.48
CA HIS B 137 11.05 -11.02 -0.94
C HIS B 137 11.67 -9.77 -1.54
N SER B 138 12.41 -9.91 -2.64
CA SER B 138 12.92 -8.76 -3.38
C SER B 138 12.05 -8.47 -4.59
N SER B 139 11.14 -9.39 -4.89
CA SER B 139 10.17 -9.25 -5.96
C SER B 139 9.16 -10.36 -5.77
N PHE B 140 8.08 -10.31 -6.55
CA PHE B 140 7.11 -11.40 -6.61
C PHE B 140 7.05 -11.93 -8.04
N ALA B 141 7.39 -13.20 -8.21
CA ALA B 141 7.35 -13.79 -9.54
C ALA B 141 5.92 -14.00 -9.97
N GLY B 142 5.59 -13.66 -11.21
CA GLY B 142 4.32 -14.12 -11.74
C GLY B 142 4.34 -15.64 -11.77
N ASP B 143 3.20 -16.27 -11.48
CA ASP B 143 3.14 -17.73 -11.57
C ASP B 143 3.66 -18.13 -12.94
N PRO B 144 4.73 -18.95 -12.99
CA PRO B 144 5.39 -19.09 -14.31
C PRO B 144 4.53 -19.81 -15.34
N GLU B 145 3.67 -20.73 -14.92
CA GLU B 145 2.75 -21.33 -15.88
C GLU B 145 1.74 -20.28 -16.39
N LEU B 146 1.23 -19.44 -15.50
CA LEU B 146 0.31 -18.39 -15.95
C LEU B 146 1.00 -17.39 -16.89
N VAL B 147 2.25 -17.06 -16.58
CA VAL B 147 3.04 -16.18 -17.44
C VAL B 147 3.20 -16.83 -18.83
N GLY B 148 3.61 -18.09 -18.84
CA GLY B 148 3.84 -18.78 -20.10
C GLY B 148 2.57 -18.86 -20.93
N ARG B 149 1.44 -19.12 -20.29
CA ARG B 149 0.17 -19.18 -21.03
C ARG B 149 -0.09 -17.88 -21.77
N ALA B 150 0.12 -16.75 -21.11
CA ALA B 150 -0.16 -15.48 -21.75
C ALA B 150 0.78 -15.26 -22.94
N LEU B 151 2.05 -15.62 -22.78
CA LEU B 151 3.01 -15.50 -23.87
C LEU B 151 2.63 -16.41 -25.03
N GLY B 152 2.16 -17.62 -24.73
CA GLY B 152 1.73 -18.54 -25.77
C GLY B 152 0.52 -18.03 -26.54
N MET B 153 -0.27 -17.17 -25.92
CA MET B 153 -1.44 -16.57 -26.57
C MET B 153 -1.13 -15.25 -27.29
N ALA B 154 0.15 -14.91 -27.41
CA ALA B 154 0.56 -13.60 -27.95
C ALA B 154 -0.09 -13.24 -29.28
N ASP B 155 -0.16 -14.20 -30.19
CA ASP B 155 -0.66 -13.89 -31.54
C ASP B 155 -2.17 -13.63 -31.57
N ARG B 156 -2.85 -13.88 -30.46
CA ARG B 156 -4.28 -13.60 -30.37
C ARG B 156 -4.55 -12.13 -30.03
N TYR B 157 -3.51 -11.42 -29.62
CA TYR B 157 -3.61 -9.98 -29.36
C TYR B 157 -3.16 -9.20 -30.58
N ARG B 158 -4.04 -8.37 -31.12
CA ARG B 158 -3.79 -7.75 -32.42
C ARG B 158 -3.56 -6.26 -32.37
N HIS B 159 -3.17 -5.74 -31.21
CA HIS B 159 -2.94 -4.30 -31.10
C HIS B 159 -1.55 -3.96 -30.58
N GLY B 160 -0.63 -4.91 -30.68
CA GLY B 160 0.73 -4.71 -30.23
C GLY B 160 1.39 -6.03 -29.94
N ARG B 161 2.60 -5.99 -29.42
CA ARG B 161 3.33 -7.20 -29.05
C ARG B 161 3.01 -7.59 -27.63
N VAL B 162 3.05 -8.88 -27.34
CA VAL B 162 2.93 -9.41 -25.99
C VAL B 162 4.31 -9.92 -25.59
N VAL B 163 4.88 -9.34 -24.53
CA VAL B 163 6.24 -9.65 -24.16
C VAL B 163 6.35 -9.95 -22.67
N PRO B 164 7.34 -10.76 -22.28
CA PRO B 164 7.64 -10.87 -20.85
C PRO B 164 8.37 -9.64 -20.37
N GLY B 165 8.09 -9.20 -19.16
CA GLY B 165 8.86 -8.08 -18.63
C GLY B 165 8.68 -7.91 -17.15
N ILE B 166 9.47 -6.99 -16.62
CA ILE B 166 9.46 -6.67 -15.21
C ILE B 166 8.56 -5.47 -14.94
N ILE B 167 7.61 -5.64 -14.04
CA ILE B 167 6.66 -4.60 -13.72
C ILE B 167 7.10 -3.86 -12.45
N GLY B 168 7.35 -2.56 -12.57
CA GLY B 168 7.73 -1.73 -11.43
C GLY B 168 6.52 -1.02 -10.84
N THR B 169 6.15 -1.42 -9.64
CA THR B 169 4.98 -0.87 -8.95
C THR B 169 5.37 0.22 -7.98
N ALA B 170 4.70 1.36 -8.06
CA ALA B 170 4.94 2.47 -7.16
C ALA B 170 3.72 3.36 -7.15
N ASP B 171 3.57 4.13 -6.08
CA ASP B 171 2.55 5.18 -6.02
C ASP B 171 3.06 6.41 -6.79
N GLU B 172 3.41 6.19 -8.05
CA GLU B 172 4.09 7.20 -8.86
C GLU B 172 3.61 7.22 -10.28
N TRP B 173 3.62 8.42 -10.84
CA TRP B 173 3.59 8.57 -12.30
CA TRP B 173 3.55 8.63 -12.28
C TRP B 173 4.78 9.44 -12.66
N ASN B 174 5.81 8.78 -13.20
CA ASN B 174 7.04 9.46 -13.58
C ASN B 174 7.01 9.98 -14.99
N ARG B 175 7.26 11.28 -15.16
CA ARG B 175 7.40 11.83 -16.51
C ARG B 175 8.72 12.56 -16.68
N GLN B 176 9.62 12.47 -15.70
CA GLN B 176 10.99 12.93 -15.92
C GLN B 176 11.71 11.82 -16.68
N VAL B 177 11.98 12.04 -17.96
CA VAL B 177 12.54 10.97 -18.78
C VAL B 177 13.88 10.44 -18.21
N ALA B 178 14.69 11.31 -17.62
CA ALA B 178 15.93 10.83 -17.00
C ALA B 178 15.66 9.88 -15.83
N ARG B 179 14.58 10.12 -15.09
CA ARG B 179 14.23 9.22 -13.99
C ARG B 179 13.74 7.88 -14.52
N ILE B 180 12.89 7.90 -15.54
CA ILE B 180 12.47 6.68 -16.22
C ILE B 180 13.68 5.87 -16.70
N ASN B 181 14.61 6.55 -17.37
CA ASN B 181 15.81 5.89 -17.86
C ASN B 181 16.62 5.28 -16.73
N TRP B 182 16.78 6.01 -15.63
CA TRP B 182 17.54 5.50 -14.50
C TRP B 182 16.87 4.28 -13.88
N LEU B 183 15.56 4.33 -13.70
CA LEU B 183 14.82 3.19 -13.16
C LEU B 183 14.97 1.97 -14.08
N HIS B 184 14.88 2.20 -15.38
CA HIS B 184 15.03 1.08 -16.31
C HIS B 184 16.44 0.49 -16.27
N GLN B 185 17.44 1.35 -16.20
CA GLN B 185 18.82 0.89 -16.17
C GLN B 185 19.13 0.16 -14.87
N THR B 186 18.50 0.58 -13.78
CA THR B 186 18.78 0.03 -12.46
C THR B 186 18.01 -1.26 -12.18
N TYR B 187 16.74 -1.30 -12.62
CA TYR B 187 15.85 -2.39 -12.23
C TYR B 187 15.35 -3.21 -13.41
N GLN B 188 15.77 -2.86 -14.63
CA GLN B 188 15.40 -3.60 -15.84
C GLN B 188 13.90 -3.60 -16.06
N THR B 189 13.22 -2.55 -15.64
CA THR B 189 11.77 -2.47 -15.76
C THR B 189 11.28 -2.37 -17.20
N ALA B 190 10.19 -3.08 -17.50
CA ALA B 190 9.50 -2.91 -18.77
C ALA B 190 8.56 -1.70 -18.73
N ALA B 191 7.89 -1.52 -17.60
CA ALA B 191 6.87 -0.50 -17.46
C ALA B 191 6.61 -0.25 -15.98
N GLU B 192 6.01 0.90 -15.70
CA GLU B 192 5.61 1.28 -14.34
C GLU B 192 4.09 1.38 -14.22
N GLU B 193 3.60 1.03 -13.05
CA GLU B 193 2.18 1.16 -12.74
CA GLU B 193 2.17 1.20 -12.75
C GLU B 193 2.03 1.23 -11.22
N MET B 194 0.80 1.14 -10.72
CA MET B 194 0.57 1.50 -9.34
C MET B 194 -0.11 0.46 -8.46
N GLU B 195 -0.27 -0.77 -8.95
CA GLU B 195 -0.92 -1.79 -8.13
C GLU B 195 -0.26 -3.17 -8.08
N THR B 196 0.45 -3.57 -9.13
CA THR B 196 0.72 -4.99 -9.34
C THR B 196 1.43 -5.68 -8.16
N SER B 197 2.55 -5.12 -7.71
CA SER B 197 3.32 -5.82 -6.68
C SER B 197 2.61 -5.84 -5.34
N SER B 198 1.66 -4.92 -5.14
CA SER B 198 0.89 -4.88 -3.91
C SER B 198 -0.17 -6.00 -3.90
N ALA B 199 -0.92 -6.12 -4.99
CA ALA B 199 -1.80 -7.27 -5.16
C ALA B 199 -1.01 -8.58 -5.12
N ALA B 200 0.19 -8.59 -5.72
CA ALA B 200 1.01 -9.79 -5.74
C ALA B 200 1.46 -10.17 -4.34
N LEU B 201 1.77 -9.17 -3.53
CA LEU B 201 2.16 -9.40 -2.14
C LEU B 201 1.04 -10.12 -1.40
N VAL B 202 -0.19 -9.63 -1.54
CA VAL B 202 -1.31 -10.26 -0.85
C VAL B 202 -1.55 -11.67 -1.41
N ALA B 203 -1.45 -11.85 -2.72
CA ALA B 203 -1.62 -13.19 -3.28
C ALA B 203 -0.55 -14.16 -2.77
N GLU B 204 0.69 -13.68 -2.60
CA GLU B 204 1.73 -14.54 -2.02
C GLU B 204 1.40 -14.92 -0.57
N ALA B 205 0.90 -13.96 0.20
CA ALA B 205 0.54 -14.22 1.59
C ALA B 205 -0.53 -15.30 1.69
N TYR B 206 -1.48 -15.30 0.76
CA TYR B 206 -2.57 -16.26 0.75
C TYR B 206 -2.25 -17.49 -0.09
N LYS B 207 -1.06 -17.52 -0.70
CA LYS B 207 -0.60 -18.64 -1.53
C LYS B 207 -1.58 -18.94 -2.66
N VAL B 208 -1.99 -17.89 -3.38
CA VAL B 208 -2.87 -17.99 -4.53
C VAL B 208 -2.11 -17.57 -5.78
N PRO B 209 -2.11 -18.42 -6.83
CA PRO B 209 -1.38 -18.05 -8.05
C PRO B 209 -1.79 -16.70 -8.62
N PHE B 210 -0.81 -15.96 -9.10
CA PHE B 210 -0.98 -14.57 -9.51
C PHE B 210 -0.29 -14.29 -10.83
N VAL B 211 -0.89 -13.48 -11.68
CA VAL B 211 -0.17 -12.96 -12.83
C VAL B 211 -0.60 -11.52 -13.11
N GLY B 212 0.38 -10.67 -13.42
CA GLY B 212 0.14 -9.30 -13.84
C GLY B 212 0.22 -9.17 -15.36
N ILE B 213 -0.78 -8.54 -15.94
CA ILE B 213 -0.88 -8.33 -17.38
C ILE B 213 -1.14 -6.84 -17.61
N ARG B 214 -0.19 -6.14 -18.20
CA ARG B 214 -0.31 -4.69 -18.34
C ARG B 214 -0.07 -4.19 -19.74
N VAL B 215 -1.00 -3.38 -20.24
CA VAL B 215 -0.80 -2.74 -21.53
C VAL B 215 -0.13 -1.39 -21.32
N LEU B 216 0.82 -1.04 -22.19
CA LEU B 216 1.34 0.32 -22.21
C LEU B 216 0.28 1.25 -22.76
N SER B 217 -0.25 2.12 -21.91
CA SER B 217 -1.20 3.13 -22.37
C SER B 217 -0.47 4.36 -22.89
N ASN B 218 0.82 4.42 -22.62
CA ASN B 218 1.63 5.60 -22.89
C ASN B 218 3.10 5.28 -22.71
N THR B 219 3.96 6.06 -23.34
CA THR B 219 5.36 6.05 -22.96
C THR B 219 6.01 7.37 -23.34
N ASP B 220 6.62 8.01 -22.35
CA ASP B 220 7.30 9.27 -22.62
C ASP B 220 8.64 9.06 -23.31
N LEU B 221 9.04 7.81 -23.48
CA LEU B 221 10.26 7.50 -24.21
C LEU B 221 10.05 7.66 -25.72
N HIS B 222 8.79 7.74 -26.15
CA HIS B 222 8.48 7.90 -27.57
C HIS B 222 7.43 8.97 -27.83
N GLY B 223 7.17 9.82 -26.84
CA GLY B 223 6.17 10.86 -26.97
C GLY B 223 4.78 10.34 -27.22
N GLU B 224 4.47 9.15 -26.70
CA GLU B 224 3.16 8.54 -26.89
C GLU B 224 2.30 8.80 -25.66
N GLU B 225 1.29 9.67 -25.81
CA GLU B 225 0.45 10.07 -24.69
C GLU B 225 -0.64 9.04 -24.41
N PHE B 226 -1.26 9.16 -23.24
CA PHE B 226 -2.26 8.20 -22.77
C PHE B 226 -3.40 7.98 -23.76
N ASP B 227 -3.62 6.72 -24.12
CA ASP B 227 -4.74 6.33 -24.97
C ASP B 227 -5.63 5.37 -24.19
N PRO B 228 -6.84 5.82 -23.80
CA PRO B 228 -7.72 4.97 -23.00
C PRO B 228 -8.16 3.68 -23.70
N GLN B 229 -8.13 3.66 -25.03
CA GLN B 229 -8.54 2.47 -25.76
C GLN B 229 -7.63 1.28 -25.44
N THR B 230 -6.40 1.56 -25.05
CA THR B 230 -5.51 0.46 -24.68
C THR B 230 -6.08 -0.34 -23.50
N ALA B 231 -6.75 0.32 -22.56
CA ALA B 231 -7.34 -0.38 -21.43
C ALA B 231 -8.42 -1.35 -21.89
N ILE B 232 -9.20 -0.97 -22.90
CA ILE B 232 -10.22 -1.85 -23.45
C ILE B 232 -9.56 -3.06 -24.12
N HIS B 233 -8.53 -2.81 -24.91
CA HIS B 233 -7.82 -3.88 -25.59
C HIS B 233 -7.18 -4.86 -24.63
N CYS B 234 -6.65 -4.35 -23.52
CA CYS B 234 -6.09 -5.23 -22.50
C CYS B 234 -7.16 -6.14 -21.92
N GLN B 235 -8.32 -5.58 -21.59
CA GLN B 235 -9.41 -6.39 -21.06
C GLN B 235 -9.87 -7.44 -22.06
N GLN B 236 -9.89 -7.11 -23.35
CA GLN B 236 -10.28 -8.10 -24.37
C GLN B 236 -9.31 -9.27 -24.37
N PHE B 237 -8.01 -8.98 -24.28
CA PHE B 237 -7.02 -10.04 -24.21
C PHE B 237 -7.20 -10.87 -22.93
N VAL B 238 -7.45 -10.20 -21.81
CA VAL B 238 -7.61 -10.89 -20.54
C VAL B 238 -8.87 -11.77 -20.51
N ILE B 239 -9.94 -11.33 -21.15
CA ILE B 239 -11.13 -12.18 -21.27
C ILE B 239 -10.81 -13.46 -22.05
N ASP B 240 -10.11 -13.32 -23.17
CA ASP B 240 -9.66 -14.45 -23.97
C ASP B 240 -8.78 -15.39 -23.13
N TYR B 241 -7.85 -14.81 -22.39
CA TYR B 241 -6.95 -15.53 -21.51
C TYR B 241 -7.70 -16.30 -20.41
N ALA B 242 -8.66 -15.63 -19.77
CA ALA B 242 -9.43 -16.29 -18.72
C ALA B 242 -10.28 -17.41 -19.30
N LYS B 243 -10.88 -17.18 -20.46
CA LYS B 243 -11.67 -18.24 -21.10
C LYS B 243 -10.80 -19.46 -21.44
N ALA B 244 -9.55 -19.25 -21.84
CA ALA B 244 -8.66 -20.37 -22.10
C ALA B 244 -8.38 -21.17 -20.82
N LEU B 245 -8.12 -20.48 -19.72
CA LEU B 245 -7.96 -21.15 -18.44
C LEU B 245 -9.21 -21.96 -18.10
N ILE B 246 -10.38 -21.35 -18.30
CA ILE B 246 -11.64 -21.98 -17.97
C ILE B 246 -11.89 -23.22 -18.83
N ASN B 247 -11.49 -23.16 -20.11
CA ASN B 247 -11.60 -24.32 -21.00
C ASN B 247 -10.82 -25.52 -20.44
N GLY B 248 -9.76 -25.25 -19.70
CA GLY B 248 -8.93 -26.31 -19.13
C GLY B 248 -9.32 -26.77 -17.74
N PHE B 249 -10.24 -26.06 -17.08
CA PHE B 249 -10.65 -26.45 -15.74
C PHE B 249 -11.50 -27.72 -15.79
N9 ADE C . 10.41 3.92 11.55
C8 ADE C . 11.19 4.40 12.56
N7 ADE C . 11.99 5.40 12.19
C5 ADE C . 11.67 5.58 10.85
C6 ADE C . 12.16 6.49 9.86
N6 ADE C . 13.09 7.42 10.10
N1 ADE C . 11.63 6.39 8.63
C2 ADE C . 10.70 5.46 8.38
N3 ADE C . 10.17 4.56 9.22
C4 ADE C . 10.70 4.68 10.44
C1 GOL D . 0.27 17.16 4.01
O1 GOL D . 0.59 18.50 4.30
C2 GOL D . -1.11 17.07 3.36
O2 GOL D . -2.12 17.46 4.26
C3 GOL D . -1.21 18.02 2.17
O3 GOL D . -0.24 17.67 1.20
N9 ADE E . -0.84 4.00 -15.49
C8 ADE E . -0.80 4.20 -16.84
N7 ADE E . 0.30 4.80 -17.26
C5 ADE E . 1.04 4.99 -16.09
C6 ADE E . 2.30 5.58 -15.85
N6 ADE E . 3.09 6.09 -16.81
N1 ADE E . 2.74 5.61 -14.58
C2 ADE E . 1.96 5.10 -13.60
N3 ADE E . 0.76 4.52 -13.71
C4 ADE E . 0.35 4.51 -15.00
C1 GOL F . 13.49 -6.63 -8.35
O1 GOL F . 13.94 -7.89 -8.80
C2 GOL F . 14.45 -5.54 -8.82
O2 GOL F . 15.38 -5.37 -7.78
C3 GOL F . 15.22 -5.96 -10.08
O3 GOL F . 14.37 -6.03 -11.19
#